data_1SX5
#
_entry.id   1SX5
#
_cell.length_a   47.708
_cell.length_b   48.627
_cell.length_c   63.544
_cell.angle_alpha   96.68
_cell.angle_beta   108.94
_cell.angle_gamma   107.33
#
_symmetry.space_group_name_H-M   'P 1'
#
loop_
_entity.id
_entity.type
_entity.pdbx_description
1 polymer "5'-D(*AP*AP*AP*GP*AP*T)-3'"
2 polymer "5'-D(P*AP*TP*CP*TP*T)-3'"
3 polymer 'Type II restriction enzyme EcoRV'
4 non-polymer 'MANGANESE (II) ION'
5 water water
#
loop_
_entity_poly.entity_id
_entity_poly.type
_entity_poly.pdbx_seq_one_letter_code
_entity_poly.pdbx_strand_id
1 'polydeoxyribonucleotide' (DA)(DA)(DA)(DG)(DA)(DT) C,E
2 'polydeoxyribonucleotide' (DA)(DT)(DC)(DT)(DT) D,F
3 'polypeptide(L)'
;SLRSDLINALYDENQKYDVCGIISAEGKIYPLGSDTAVLSTIFELFSRPIINKIAEKHGYIVEEPKQQNHYPDFTLYKPS
EPNKKIAIDIKTTYTNKENEKIKFTLGGYTSFIRNNTKNIVYPFDQYIAHWIIGYVYTRVATRKSSLKTYNINELNEIPK
PYKGVKVFLQDKWVIAGDLAGSGNTTNIGSIHAHYKDFVEGKGIFDSEDEFLDYWRNYERTSQLRNDKYNNISEYRNWIY
RGRK
;
A,B
#
# COMPACT_ATOMS: atom_id res chain seq x y z
N SER E 1 -27.12 8.32 16.61
CA SER E 1 -27.22 7.87 15.19
C SER E 1 -26.13 6.82 14.90
N LEU E 2 -26.24 6.23 13.73
CA LEU E 2 -25.22 5.28 13.24
C LEU E 2 -23.88 6.04 13.26
N ARG E 3 -23.85 7.21 12.65
CA ARG E 3 -22.59 8.00 12.66
C ARG E 3 -22.04 8.33 14.04
N SER E 4 -22.86 8.84 14.97
CA SER E 4 -22.25 9.16 16.24
C SER E 4 -21.83 7.90 17.01
N ASP E 5 -22.61 6.83 16.90
CA ASP E 5 -22.19 5.62 17.57
C ASP E 5 -20.89 5.08 16.91
N LEU E 6 -20.76 5.26 15.60
CA LEU E 6 -19.54 4.74 14.97
C LEU E 6 -18.30 5.49 15.40
N ILE E 7 -18.32 6.82 15.34
CA ILE E 7 -17.12 7.49 15.79
C ILE E 7 -16.93 7.32 17.28
N ASN E 8 -17.99 7.22 18.07
CA ASN E 8 -17.71 7.03 19.49
C ASN E 8 -16.96 5.71 19.68
N ALA E 9 -17.39 4.67 18.99
CA ALA E 9 -16.73 3.38 19.18
C ALA E 9 -15.26 3.40 18.63
N LEU E 10 -15.05 4.03 17.48
CA LEU E 10 -13.67 4.09 16.96
C LEU E 10 -12.78 4.91 17.89
N TYR E 11 -13.32 6.02 18.38
CA TYR E 11 -12.55 6.88 19.26
C TYR E 11 -12.21 6.10 20.54
N ASP E 12 -13.20 5.42 21.10
CA ASP E 12 -12.99 4.60 22.33
C ASP E 12 -11.97 3.46 22.10
N GLU E 13 -12.17 2.65 21.07
CA GLU E 13 -11.26 1.51 20.81
C GLU E 13 -9.82 2.01 20.61
N ASN E 14 -9.68 3.14 19.93
CA ASN E 14 -8.36 3.73 19.69
C ASN E 14 -7.71 4.15 20.99
N GLN E 15 -8.50 4.69 21.90
CA GLN E 15 -7.99 5.13 23.17
C GLN E 15 -7.55 3.94 23.97
N LYS E 16 -8.31 2.84 23.92
CA LYS E 16 -7.97 1.68 24.72
C LYS E 16 -6.86 0.76 24.24
N TYR E 17 -7.00 0.24 23.02
CA TYR E 17 -6.06 -0.73 22.43
C TYR E 17 -5.01 -0.17 21.45
N ASP E 18 -3.81 -0.75 21.49
CA ASP E 18 -2.70 -0.40 20.58
C ASP E 18 -2.36 -1.68 19.83
N VAL E 19 -2.17 -1.63 18.51
CA VAL E 19 -1.82 -2.83 17.77
C VAL E 19 -0.33 -2.99 17.86
N CYS E 20 0.15 -4.20 18.04
CA CYS E 20 1.60 -4.31 18.16
C CYS E 20 2.29 -5.31 17.28
N GLY E 21 1.56 -6.02 16.42
CA GLY E 21 2.25 -6.96 15.55
C GLY E 21 1.25 -7.82 14.82
N ILE E 22 1.76 -8.70 13.98
CA ILE E 22 0.92 -9.61 13.25
C ILE E 22 1.21 -10.95 13.97
N ILE E 23 0.19 -11.82 14.08
CA ILE E 23 0.38 -13.07 14.76
C ILE E 23 0.06 -14.22 13.80
N SER E 24 0.78 -15.33 13.96
CA SER E 24 0.57 -16.51 13.14
C SER E 24 -0.28 -17.51 13.95
N ALA E 25 -0.88 -18.45 13.25
CA ALA E 25 -1.75 -19.44 13.91
C ALA E 25 -0.97 -20.25 14.92
N GLU E 26 0.35 -20.26 14.76
CA GLU E 26 1.20 -20.99 15.67
C GLU E 26 1.55 -20.18 16.92
N GLY E 27 1.08 -18.95 16.97
CA GLY E 27 1.29 -18.09 18.11
C GLY E 27 2.51 -17.18 18.06
N LYS E 28 3.25 -17.17 16.94
CA LYS E 28 4.45 -16.34 16.86
C LYS E 28 4.03 -14.93 16.41
N ILE E 29 4.63 -13.91 17.01
CA ILE E 29 4.28 -12.52 16.67
C ILE E 29 5.43 -11.82 15.95
N TYR E 30 5.10 -11.13 14.87
CA TYR E 30 6.10 -10.39 14.10
C TYR E 30 5.83 -8.89 14.31
N PRO E 31 6.86 -8.13 14.73
CA PRO E 31 6.61 -6.70 14.95
C PRO E 31 6.27 -5.88 13.73
N LEU E 32 5.75 -4.67 13.97
CA LEU E 32 5.41 -3.76 12.92
C LEU E 32 6.58 -2.93 12.44
N GLY E 33 6.63 -2.75 11.11
CA GLY E 33 7.71 -1.95 10.49
C GLY E 33 7.27 -0.51 10.43
N SER E 34 8.09 0.35 9.81
CA SER E 34 7.83 1.82 9.80
C SER E 34 6.85 2.62 8.94
N ASP E 35 6.75 2.37 7.64
CA ASP E 35 5.88 3.24 6.85
C ASP E 35 4.35 3.34 7.06
N THR E 36 3.77 4.32 6.40
CA THR E 36 2.32 4.46 6.44
C THR E 36 1.82 3.25 5.65
N ALA E 37 2.66 2.66 4.79
CA ALA E 37 2.19 1.45 4.08
C ALA E 37 1.72 0.39 5.11
N VAL E 38 2.55 0.16 6.12
CA VAL E 38 2.25 -0.81 7.11
C VAL E 38 1.14 -0.25 8.00
N LEU E 39 1.23 1.02 8.37
CA LEU E 39 0.24 1.54 9.33
C LEU E 39 -1.12 1.71 8.75
N SER E 40 -1.20 2.09 7.47
CA SER E 40 -2.48 2.22 6.83
C SER E 40 -3.19 0.86 6.78
N THR E 41 -2.45 -0.21 6.57
CA THR E 41 -3.07 -1.53 6.55
C THR E 41 -3.57 -1.86 7.95
N ILE E 42 -2.72 -1.66 8.96
CA ILE E 42 -3.03 -1.97 10.35
C ILE E 42 -4.25 -1.19 10.84
N PHE E 43 -4.33 0.12 10.58
CA PHE E 43 -5.52 0.85 11.09
C PHE E 43 -6.78 0.46 10.36
N GLU E 44 -6.69 0.10 9.08
CA GLU E 44 -7.89 -0.37 8.39
C GLU E 44 -8.32 -1.69 8.97
N LEU E 45 -7.39 -2.62 9.22
CA LEU E 45 -7.84 -3.87 9.77
C LEU E 45 -8.43 -3.67 11.18
N PHE E 46 -7.83 -2.76 11.95
CA PHE E 46 -8.32 -2.46 13.31
C PHE E 46 -9.74 -1.97 13.28
N SER E 47 -10.06 -1.28 12.21
CA SER E 47 -11.39 -0.65 12.09
C SER E 47 -12.53 -1.61 11.67
N ARG E 48 -12.20 -2.70 11.01
CA ARG E 48 -13.22 -3.57 10.45
C ARG E 48 -14.24 -4.12 11.39
N PRO E 49 -13.80 -4.74 12.48
CA PRO E 49 -14.83 -5.30 13.39
C PRO E 49 -15.67 -4.22 14.05
N ILE E 50 -15.07 -3.07 14.33
CA ILE E 50 -15.84 -1.97 14.96
C ILE E 50 -16.94 -1.47 14.05
N ILE E 51 -16.60 -1.23 12.79
CA ILE E 51 -17.56 -0.78 11.82
C ILE E 51 -18.67 -1.83 11.66
N ASN E 52 -18.27 -3.09 11.66
CA ASN E 52 -19.31 -4.09 11.42
C ASN E 52 -20.30 -4.16 12.56
N LYS E 53 -19.77 -4.14 13.77
CA LYS E 53 -20.59 -4.22 14.97
C LYS E 53 -21.59 -3.10 15.05
N ILE E 54 -21.14 -1.86 14.85
CA ILE E 54 -22.06 -0.73 14.95
C ILE E 54 -23.06 -0.77 13.82
N ALA E 55 -22.63 -1.07 12.61
CA ALA E 55 -23.51 -1.16 11.44
C ALA E 55 -24.60 -2.19 11.74
N GLU E 56 -24.20 -3.35 12.27
CA GLU E 56 -25.20 -4.38 12.58
C GLU E 56 -26.17 -3.90 13.66
N LYS E 57 -25.66 -3.28 14.72
CA LYS E 57 -26.56 -2.80 15.81
C LYS E 57 -27.66 -1.93 15.28
N HIS E 58 -27.40 -1.31 14.13
CA HIS E 58 -28.34 -0.40 13.48
C HIS E 58 -29.14 -0.94 12.34
N GLY E 59 -28.92 -2.20 12.03
CA GLY E 59 -29.67 -2.81 10.96
C GLY E 59 -29.05 -2.70 9.59
N TYR E 60 -27.77 -2.35 9.50
CA TYR E 60 -27.10 -2.22 8.21
C TYR E 60 -26.27 -3.44 7.81
N ILE E 61 -26.22 -3.64 6.51
CA ILE E 61 -25.46 -4.69 5.86
C ILE E 61 -24.09 -4.09 5.55
N VAL E 62 -23.01 -4.80 5.83
CA VAL E 62 -21.66 -4.30 5.57
C VAL E 62 -21.02 -5.09 4.44
N GLU E 63 -20.58 -4.39 3.42
CA GLU E 63 -19.95 -5.03 2.31
C GLU E 63 -18.64 -4.39 1.97
N GLU E 64 -17.62 -5.22 1.86
CA GLU E 64 -16.31 -4.75 1.48
C GLU E 64 -16.22 -5.10 0.00
N PRO E 65 -15.32 -4.44 -0.75
CA PRO E 65 -15.15 -4.70 -2.19
C PRO E 65 -14.83 -6.17 -2.44
N LYS E 66 -15.52 -6.76 -3.39
CA LYS E 66 -15.26 -8.17 -3.72
C LYS E 66 -14.11 -8.15 -4.72
N GLN E 67 -13.94 -7.00 -5.34
CA GLN E 67 -12.91 -6.78 -6.35
C GLN E 67 -11.90 -5.75 -5.90
N GLN E 68 -10.65 -5.94 -6.32
CA GLN E 68 -9.62 -4.98 -5.98
C GLN E 68 -9.80 -3.68 -6.77
N ASN E 69 -9.15 -2.63 -6.31
CA ASN E 69 -9.26 -1.32 -6.97
C ASN E 69 -10.63 -0.75 -6.95
N HIS E 70 -11.48 -1.17 -6.04
CA HIS E 70 -12.82 -0.57 -6.00
C HIS E 70 -13.09 0.10 -4.70
N TYR E 71 -13.56 1.34 -4.82
CA TYR E 71 -13.97 2.14 -3.66
C TYR E 71 -15.43 1.77 -3.33
N PRO E 72 -15.87 1.86 -2.06
CA PRO E 72 -15.15 2.29 -0.87
C PRO E 72 -14.71 1.11 -0.02
N ASP E 73 -13.88 1.36 1.00
CA ASP E 73 -13.44 0.29 1.92
C ASP E 73 -14.66 -0.43 2.49
N PHE E 74 -15.72 0.31 2.83
CA PHE E 74 -16.92 -0.30 3.36
C PHE E 74 -18.16 0.39 2.83
N THR E 75 -19.10 -0.45 2.35
CA THR E 75 -20.43 0.01 1.93
C THR E 75 -21.43 -0.48 2.95
N LEU E 76 -22.24 0.43 3.48
CA LEU E 76 -23.26 0.15 4.49
C LEU E 76 -24.64 0.51 3.97
N TYR E 77 -25.63 -0.36 4.23
CA TYR E 77 -27.00 -0.05 3.83
C TYR E 77 -28.06 -1.01 4.35
N LYS E 78 -29.30 -0.50 4.36
CA LYS E 78 -30.47 -1.26 4.77
C LYS E 78 -31.08 -1.81 3.47
N PRO E 79 -31.57 -3.07 3.47
CA PRO E 79 -32.16 -3.64 2.24
C PRO E 79 -33.30 -2.72 1.80
N SER E 80 -33.96 -2.12 2.77
CA SER E 80 -35.10 -1.24 2.49
C SER E 80 -34.76 0.16 1.92
N GLU E 81 -33.46 0.48 1.83
CA GLU E 81 -33.02 1.78 1.32
C GLU E 81 -31.85 1.55 0.37
N PRO E 82 -32.08 0.85 -0.76
CA PRO E 82 -31.01 0.57 -1.72
C PRO E 82 -30.30 1.80 -2.23
N ASN E 83 -31.02 2.92 -2.27
CA ASN E 83 -30.45 4.13 -2.78
C ASN E 83 -30.01 5.13 -1.75
N LYS E 84 -29.81 4.65 -0.53
CA LYS E 84 -29.31 5.50 0.52
C LYS E 84 -28.12 4.75 1.15
N LYS E 85 -27.25 4.25 0.31
CA LYS E 85 -26.08 3.54 0.77
C LYS E 85 -25.06 4.55 1.35
N ILE E 86 -24.23 4.09 2.27
CA ILE E 86 -23.19 4.93 2.90
C ILE E 86 -21.85 4.30 2.59
N ALA E 87 -20.96 5.13 2.02
CA ALA E 87 -19.60 4.75 1.73
C ALA E 87 -18.69 5.21 2.85
N ILE E 88 -17.83 4.31 3.32
CA ILE E 88 -16.87 4.68 4.35
C ILE E 88 -15.49 4.28 3.83
N ASP E 89 -14.57 5.24 3.76
CA ASP E 89 -13.24 4.92 3.26
C ASP E 89 -12.28 5.31 4.38
N ILE E 90 -11.33 4.42 4.68
CA ILE E 90 -10.35 4.70 5.71
C ILE E 90 -9.08 5.29 5.09
N LYS E 91 -8.56 6.39 5.62
CA LYS E 91 -7.34 7.02 5.04
C LYS E 91 -6.39 7.28 6.24
N THR E 92 -5.08 7.24 5.99
CA THR E 92 -4.13 7.40 7.06
C THR E 92 -3.01 8.33 6.59
N THR E 93 -2.46 9.05 7.55
CA THR E 93 -1.28 9.86 7.27
C THR E 93 -0.48 9.96 8.54
N TYR E 94 0.69 10.60 8.46
CA TYR E 94 1.52 10.71 9.66
C TYR E 94 1.99 12.13 9.89
N THR E 95 2.56 12.34 11.07
CA THR E 95 3.14 13.60 11.40
C THR E 95 4.50 13.23 12.02
N ASN E 96 5.47 14.11 11.91
CA ASN E 96 6.78 13.81 12.48
C ASN E 96 6.87 14.36 13.89
N LYS E 97 6.15 15.45 14.08
CA LYS E 97 6.09 16.09 15.37
C LYS E 97 4.60 16.10 15.62
N GLU E 98 4.20 15.73 16.83
CA GLU E 98 2.78 15.70 17.19
C GLU E 98 2.11 17.05 16.94
N ASN E 99 0.88 16.98 16.44
CA ASN E 99 0.04 18.15 16.17
C ASN E 99 0.36 19.11 15.01
N GLU E 100 1.30 18.80 14.13
CA GLU E 100 1.49 19.75 13.04
C GLU E 100 0.38 19.48 12.04
N LYS E 101 0.36 20.28 10.97
CA LYS E 101 -0.68 20.14 9.96
C LYS E 101 -0.52 18.86 9.17
N ILE E 102 -1.65 18.32 8.76
CA ILE E 102 -1.68 17.09 8.02
C ILE E 102 -2.60 17.19 6.81
N LYS E 103 -2.43 16.24 5.89
CA LYS E 103 -3.28 16.18 4.72
C LYS E 103 -3.40 14.73 4.29
N PHE E 104 -4.55 14.38 3.74
CA PHE E 104 -4.84 13.05 3.28
C PHE E 104 -5.06 13.02 1.77
N THR E 105 -4.87 11.85 1.14
CA THR E 105 -5.17 11.70 -0.27
C THR E 105 -6.59 11.06 -0.22
N LEU E 106 -7.57 11.70 -0.85
CA LEU E 106 -8.96 11.21 -0.80
C LEU E 106 -9.46 10.38 -1.96
N GLY E 107 -8.54 9.76 -2.72
CA GLY E 107 -8.96 8.92 -3.83
C GLY E 107 -9.07 9.72 -5.12
N GLY E 108 -9.25 9.02 -6.22
CA GLY E 108 -9.31 9.64 -7.53
C GLY E 108 -10.39 10.67 -7.77
N TYR E 109 -10.08 11.63 -8.64
CA TYR E 109 -11.12 12.56 -9.10
C TYR E 109 -11.55 12.21 -10.55
N THR E 110 -11.06 11.10 -11.13
CA THR E 110 -11.44 10.77 -12.50
C THR E 110 -12.08 9.39 -12.66
N SER E 111 -12.46 8.78 -11.52
CA SER E 111 -13.10 7.46 -11.56
C SER E 111 -14.61 7.66 -11.37
N PHE E 112 -15.16 7.17 -10.27
CA PHE E 112 -16.59 7.24 -10.03
C PHE E 112 -17.19 8.63 -9.94
N ILE E 113 -16.40 9.67 -9.61
CA ILE E 113 -17.09 10.96 -9.60
C ILE E 113 -17.35 11.44 -11.02
N ARG E 114 -16.70 10.87 -12.01
CA ARG E 114 -17.00 11.30 -13.37
C ARG E 114 -17.72 10.17 -14.16
N ASN E 115 -17.78 8.97 -13.60
CA ASN E 115 -18.38 7.84 -14.28
C ASN E 115 -19.08 7.04 -13.21
N ASN E 116 -20.40 7.10 -13.24
CA ASN E 116 -21.22 6.45 -12.25
C ASN E 116 -20.85 5.02 -11.82
N THR E 117 -20.25 4.19 -12.68
CA THR E 117 -19.96 2.84 -12.24
C THR E 117 -18.49 2.43 -12.35
N LYS E 118 -17.59 3.40 -12.43
CA LYS E 118 -16.17 3.13 -12.57
C LYS E 118 -15.44 3.04 -11.22
N ASN E 119 -14.86 1.86 -10.95
CA ASN E 119 -14.11 1.60 -9.73
C ASN E 119 -14.87 1.79 -8.42
N ILE E 120 -16.14 1.43 -8.42
CA ILE E 120 -16.93 1.57 -7.22
C ILE E 120 -17.80 0.34 -7.10
N VAL E 121 -18.06 -0.08 -5.88
CA VAL E 121 -18.78 -1.33 -5.68
C VAL E 121 -20.23 -1.27 -6.11
N TYR E 122 -20.90 -0.14 -5.89
CA TYR E 122 -22.27 0.02 -6.34
C TYR E 122 -22.23 1.32 -7.13
N PRO E 123 -23.17 1.53 -8.07
CA PRO E 123 -23.15 2.78 -8.84
C PRO E 123 -23.13 3.99 -7.86
N PHE E 124 -22.38 5.04 -8.21
CA PHE E 124 -22.18 6.23 -7.37
C PHE E 124 -23.49 6.86 -6.91
N ASP E 125 -24.46 6.90 -7.80
CA ASP E 125 -25.72 7.51 -7.44
C ASP E 125 -26.60 6.75 -6.46
N GLN E 126 -26.15 5.57 -6.00
CA GLN E 126 -26.90 4.81 -5.00
C GLN E 126 -26.44 5.19 -3.59
N TYR E 127 -25.36 5.97 -3.52
CA TYR E 127 -24.85 6.40 -2.22
C TYR E 127 -25.31 7.81 -1.85
N ILE E 128 -25.79 7.97 -0.62
CA ILE E 128 -26.15 9.32 -0.20
C ILE E 128 -25.13 9.92 0.72
N ALA E 129 -24.10 9.17 1.13
CA ALA E 129 -23.10 9.78 2.04
C ALA E 129 -21.79 9.08 1.77
N HIS E 130 -20.72 9.86 1.93
CA HIS E 130 -19.36 9.36 1.75
C HIS E 130 -18.60 9.88 2.92
N TRP E 131 -18.20 8.96 3.80
CA TRP E 131 -17.50 9.33 5.02
C TRP E 131 -16.05 8.87 4.95
N ILE E 132 -15.19 9.63 5.58
CA ILE E 132 -13.77 9.29 5.67
C ILE E 132 -13.46 9.07 7.17
N ILE E 133 -12.88 7.93 7.48
CA ILE E 133 -12.38 7.65 8.82
C ILE E 133 -10.90 7.96 8.58
N GLY E 134 -10.41 9.02 9.19
CA GLY E 134 -9.02 9.43 9.05
C GLY E 134 -8.20 9.10 10.28
N TYR E 135 -7.04 8.47 10.07
CA TYR E 135 -6.14 8.10 11.16
C TYR E 135 -4.86 8.92 10.99
N VAL E 136 -4.38 9.50 12.09
CA VAL E 136 -3.09 10.20 12.05
C VAL E 136 -2.23 9.63 13.17
N TYR E 137 -0.94 9.45 12.95
CA TYR E 137 -0.09 8.93 13.99
C TYR E 137 1.25 9.68 13.91
N THR E 138 1.97 9.68 15.01
CA THR E 138 3.29 10.31 14.95
C THR E 138 4.32 9.22 14.76
N ARG E 139 5.21 9.41 13.80
CA ARG E 139 6.26 8.43 13.52
C ARG E 139 7.22 8.25 14.69
N VAL E 140 7.69 7.02 14.86
CA VAL E 140 8.67 6.65 15.89
C VAL E 140 9.61 5.70 15.11
N ALA E 141 10.90 6.05 15.03
CA ALA E 141 11.85 5.21 14.29
C ALA E 141 11.93 3.81 14.89
N THR E 142 12.07 2.80 14.02
CA THR E 142 12.16 1.39 14.42
C THR E 142 13.42 1.11 15.27
N ARG E 143 13.30 0.20 16.23
CA ARG E 143 14.42 -0.16 17.10
C ARG E 143 14.94 -1.55 16.77
N LYS E 144 16.18 -1.82 17.15
CA LYS E 144 16.83 -3.11 16.89
C LYS E 144 16.39 -4.16 17.91
N SER E 145 15.08 -4.33 17.98
CA SER E 145 14.40 -5.28 18.85
C SER E 145 13.08 -5.54 18.10
N SER E 146 12.89 -4.76 17.03
CA SER E 146 11.74 -4.88 16.17
C SER E 146 12.02 -6.01 15.21
N LEU E 147 13.31 -6.37 15.07
CA LEU E 147 13.66 -7.40 14.11
C LEU E 147 13.68 -8.86 14.59
N LYS E 148 13.04 -9.14 15.72
CA LYS E 148 12.97 -10.50 16.21
C LYS E 148 11.49 -10.83 16.33
N THR E 149 11.17 -12.10 16.51
CA THR E 149 9.80 -12.44 16.71
C THR E 149 9.61 -12.53 18.22
N TYR E 150 8.35 -12.51 18.63
CA TYR E 150 7.96 -12.58 20.04
C TYR E 150 6.89 -13.65 20.24
N ASN E 151 6.69 -14.05 21.49
CA ASN E 151 5.69 -15.04 21.83
C ASN E 151 4.59 -14.23 22.50
N ILE E 152 3.41 -14.84 22.71
CA ILE E 152 2.31 -14.12 23.33
C ILE E 152 2.62 -13.56 24.71
N ASN E 153 3.44 -14.29 25.48
CA ASN E 153 3.78 -13.81 26.82
C ASN E 153 4.64 -12.54 26.81
N GLU E 154 5.02 -12.05 25.63
CA GLU E 154 5.84 -10.85 25.56
C GLU E 154 5.09 -9.71 24.90
N LEU E 155 3.79 -9.92 24.65
CA LEU E 155 2.93 -8.93 23.98
C LEU E 155 3.22 -7.46 24.25
N ASN E 156 3.22 -7.08 25.51
CA ASN E 156 3.47 -5.69 25.78
C ASN E 156 4.93 -5.25 25.89
N GLU E 157 5.86 -6.10 25.48
CA GLU E 157 7.30 -5.74 25.45
C GLU E 157 7.65 -5.43 23.98
N ILE E 158 6.65 -5.52 23.10
CA ILE E 158 6.95 -5.28 21.68
C ILE E 158 7.02 -3.80 21.32
N PRO E 159 8.15 -3.35 20.73
CA PRO E 159 8.25 -1.93 20.37
C PRO E 159 7.31 -1.56 19.21
N LYS E 160 6.80 -0.33 19.21
CA LYS E 160 5.88 0.09 18.14
C LYS E 160 6.47 1.23 17.33
N PRO E 161 6.19 1.27 16.01
CA PRO E 161 6.76 2.33 15.19
C PRO E 161 5.86 3.50 15.14
N TYR E 162 5.08 3.74 16.20
CA TYR E 162 4.18 4.86 16.19
C TYR E 162 3.76 5.26 17.59
N LYS E 163 3.17 6.43 17.69
CA LYS E 163 2.62 6.90 18.94
C LYS E 163 1.59 7.95 18.61
N GLY E 164 0.80 8.33 19.60
CA GLY E 164 -0.12 9.41 19.37
C GLY E 164 -1.18 9.25 18.30
N VAL E 165 -1.75 8.08 18.21
CA VAL E 165 -2.77 7.90 17.17
C VAL E 165 -4.04 8.68 17.47
N LYS E 166 -4.61 9.33 16.45
CA LYS E 166 -5.89 10.07 16.60
C LYS E 166 -6.78 9.61 15.45
N VAL E 167 -8.09 9.64 15.66
CA VAL E 167 -9.00 9.18 14.60
C VAL E 167 -10.19 10.14 14.50
N PHE E 168 -10.65 10.35 13.26
CA PHE E 168 -11.87 11.19 13.10
C PHE E 168 -12.77 10.52 12.06
N LEU E 169 -14.03 11.01 12.00
CA LEU E 169 -14.99 10.51 11.02
C LEU E 169 -15.62 11.78 10.52
N GLN E 170 -15.48 12.01 9.21
CA GLN E 170 -16.05 13.23 8.63
C GLN E 170 -16.50 13.03 7.20
N ASP E 171 -17.43 13.86 6.73
CA ASP E 171 -17.82 13.72 5.33
C ASP E 171 -16.64 14.07 4.44
N LYS E 172 -16.48 13.33 3.35
CA LYS E 172 -15.40 13.55 2.38
C LYS E 172 -15.45 14.95 1.77
N TRP E 173 -16.64 15.41 1.44
CA TRP E 173 -16.72 16.71 0.80
C TRP E 173 -16.32 17.79 1.77
N VAL E 174 -16.60 17.58 3.06
CA VAL E 174 -16.33 18.59 4.10
C VAL E 174 -14.85 18.79 4.30
N ILE E 175 -14.07 17.72 4.20
CA ILE E 175 -12.62 17.87 4.39
C ILE E 175 -11.84 17.95 3.11
N ALA E 176 -12.51 17.88 1.97
CA ALA E 176 -11.83 17.99 0.70
C ALA E 176 -11.25 19.38 0.51
N GLY E 177 -10.07 19.41 -0.10
CA GLY E 177 -9.38 20.65 -0.38
C GLY E 177 -9.49 20.97 -1.88
N ASP E 178 -8.69 21.90 -2.36
CA ASP E 178 -8.75 22.35 -3.74
C ASP E 178 -7.48 22.05 -4.52
N LEU E 179 -6.55 21.37 -3.86
CA LEU E 179 -5.31 21.02 -4.58
C LEU E 179 -5.19 19.50 -4.64
N ALA E 180 -4.76 18.97 -5.79
CA ALA E 180 -4.62 17.52 -5.90
C ALA E 180 -3.82 16.88 -4.78
N GLY E 181 -4.15 15.62 -4.50
CA GLY E 181 -3.50 14.83 -3.47
C GLY E 181 -2.36 14.02 -4.04
N SER E 182 -2.38 13.84 -5.37
CA SER E 182 -1.32 13.14 -6.06
C SER E 182 -1.39 13.52 -7.53
N GLY E 183 -0.26 13.32 -8.22
CA GLY E 183 -0.18 13.70 -9.62
C GLY E 183 -0.56 12.61 -10.59
N ASN E 184 0.36 11.66 -10.76
CA ASN E 184 0.16 10.61 -11.71
C ASN E 184 -1.03 9.74 -11.44
N THR E 185 -1.49 9.72 -10.18
CA THR E 185 -2.69 8.93 -9.88
C THR E 185 -3.87 9.80 -9.52
N THR E 186 -3.85 11.03 -10.00
CA THR E 186 -4.96 11.97 -9.89
C THR E 186 -5.89 11.87 -8.68
N ASN E 187 -5.32 12.08 -7.50
CA ASN E 187 -6.15 12.07 -6.29
C ASN E 187 -6.64 13.44 -5.84
N ILE E 188 -7.88 13.45 -5.30
CA ILE E 188 -8.41 14.62 -4.63
C ILE E 188 -7.50 14.77 -3.36
N GLY E 189 -7.16 16.00 -3.01
CA GLY E 189 -6.35 16.34 -1.85
C GLY E 189 -7.28 16.86 -0.77
N SER E 190 -7.07 16.50 0.50
CA SER E 190 -7.92 17.06 1.56
C SER E 190 -7.27 18.43 1.88
N ILE E 191 -7.89 19.16 2.80
CA ILE E 191 -7.33 20.41 3.31
C ILE E 191 -6.01 20.00 4.00
N HIS E 192 -5.15 20.99 4.21
CA HIS E 192 -3.88 20.74 4.90
C HIS E 192 -4.09 21.60 6.13
N ALA E 193 -4.34 20.90 7.24
CA ALA E 193 -4.73 21.54 8.49
C ALA E 193 -4.50 20.63 9.67
N HIS E 194 -4.85 21.17 10.83
CA HIS E 194 -4.70 20.44 12.09
C HIS E 194 -5.80 19.43 12.28
N TYR E 195 -5.49 18.39 13.00
CA TYR E 195 -6.49 17.34 13.26
C TYR E 195 -7.85 17.93 13.71
N LYS E 196 -7.84 18.90 14.60
CA LYS E 196 -9.12 19.48 15.05
C LYS E 196 -9.94 20.12 13.92
N ASP E 197 -9.27 20.61 12.88
CA ASP E 197 -9.96 21.24 11.79
C ASP E 197 -10.75 20.16 10.99
N PHE E 198 -10.20 18.96 10.94
CA PHE E 198 -10.90 17.85 10.28
C PHE E 198 -12.13 17.50 11.14
N VAL E 199 -11.92 17.33 12.45
CA VAL E 199 -13.04 16.98 13.34
C VAL E 199 -14.18 18.00 13.22
N GLU E 200 -13.82 19.26 13.27
CA GLU E 200 -14.81 20.38 13.20
C GLU E 200 -15.40 20.66 11.81
N GLY E 201 -14.77 20.10 10.80
CA GLY E 201 -15.23 20.26 9.40
C GLY E 201 -14.94 21.63 8.82
N LYS E 202 -13.78 22.18 9.14
CA LYS E 202 -13.38 23.51 8.65
C LYS E 202 -12.68 23.37 7.31
N GLY E 203 -13.45 23.04 6.28
CA GLY E 203 -12.89 22.81 4.98
C GLY E 203 -13.02 24.01 4.08
N ILE E 204 -12.89 23.80 2.79
CA ILE E 204 -13.03 24.96 1.91
C ILE E 204 -14.28 25.05 1.07
N PHE E 205 -14.91 23.92 0.78
CA PHE E 205 -16.15 23.97 0.02
C PHE E 205 -17.37 24.36 0.83
N ASP E 206 -18.28 25.07 0.18
CA ASP E 206 -19.53 25.52 0.85
C ASP E 206 -20.67 24.49 0.83
N SER E 207 -20.59 23.53 -0.09
CA SER E 207 -21.59 22.48 -0.23
C SER E 207 -20.97 21.28 -0.90
N GLU E 208 -21.65 20.16 -0.79
CA GLU E 208 -21.18 18.95 -1.45
C GLU E 208 -21.28 19.13 -2.99
N ASP E 209 -22.32 19.84 -3.47
CA ASP E 209 -22.42 20.09 -4.89
C ASP E 209 -21.19 20.89 -5.39
N GLU E 210 -20.70 21.85 -4.59
CA GLU E 210 -19.56 22.63 -5.04
C GLU E 210 -18.30 21.78 -5.11
N PHE E 211 -18.13 20.96 -4.08
CA PHE E 211 -16.99 20.02 -4.04
C PHE E 211 -17.05 19.12 -5.29
N LEU E 212 -18.23 18.58 -5.60
CA LEU E 212 -18.30 17.73 -6.80
C LEU E 212 -18.06 18.49 -8.12
N ASP E 213 -18.62 19.68 -8.27
CA ASP E 213 -18.41 20.41 -9.53
C ASP E 213 -16.91 20.76 -9.69
N TYR E 214 -16.32 21.18 -8.60
CA TYR E 214 -14.89 21.50 -8.63
C TYR E 214 -14.07 20.29 -9.07
N TRP E 215 -14.25 19.17 -8.35
CA TRP E 215 -13.41 18.04 -8.73
C TRP E 215 -13.77 17.35 -10.04
N ARG E 216 -15.00 17.55 -10.55
CA ARG E 216 -15.43 16.96 -11.79
C ARG E 216 -14.85 17.76 -12.96
N ASN E 217 -14.44 19.02 -12.70
CA ASN E 217 -13.92 19.86 -13.78
C ASN E 217 -12.48 20.33 -13.55
N TYR E 218 -11.81 19.69 -12.59
CA TYR E 218 -10.41 20.01 -12.27
C TYR E 218 -9.51 19.32 -13.30
N GLU E 219 -8.65 20.08 -13.99
CA GLU E 219 -7.78 19.47 -14.99
C GLU E 219 -6.58 18.80 -14.31
N ARG E 220 -5.98 17.84 -15.02
CA ARG E 220 -4.95 16.95 -14.48
C ARG E 220 -3.56 17.46 -14.20
N THR E 221 -3.16 18.52 -14.92
CA THR E 221 -1.85 19.12 -14.73
C THR E 221 -1.96 20.64 -14.65
N SER E 222 -0.91 21.28 -14.18
CA SER E 222 -0.89 22.72 -14.07
C SER E 222 -1.10 23.30 -15.46
N GLN E 223 -0.53 22.65 -16.48
CA GLN E 223 -0.65 23.12 -17.84
C GLN E 223 -2.11 23.11 -18.27
N LEU E 224 -2.75 21.96 -18.08
CA LEU E 224 -4.14 21.75 -18.46
C LEU E 224 -5.11 22.61 -17.64
N ARG E 225 -4.64 23.09 -16.47
CA ARG E 225 -5.42 23.93 -15.55
C ARG E 225 -5.11 25.42 -15.68
N ASN E 226 -4.14 25.76 -16.53
CA ASN E 226 -3.74 27.16 -16.69
C ASN E 226 -4.88 28.09 -17.07
N ASP E 227 -5.71 27.72 -18.05
CA ASP E 227 -6.81 28.59 -18.47
C ASP E 227 -8.14 28.18 -17.86
N LYS E 228 -8.09 27.62 -16.66
CA LYS E 228 -9.32 27.17 -16.05
C LYS E 228 -9.29 27.54 -14.59
N TYR E 229 -8.90 26.60 -13.72
CA TYR E 229 -8.72 27.00 -12.34
C TYR E 229 -7.78 25.99 -11.67
N ASN E 230 -7.04 26.50 -10.69
CA ASN E 230 -6.08 25.70 -9.94
C ASN E 230 -6.38 25.68 -8.45
N ASN E 231 -7.31 26.51 -8.00
CA ASN E 231 -7.67 26.57 -6.58
C ASN E 231 -9.12 27.11 -6.46
N ILE E 232 -9.62 27.18 -5.23
CA ILE E 232 -11.04 27.55 -5.06
C ILE E 232 -11.33 28.99 -5.46
N SER E 233 -10.39 29.90 -5.23
CA SER E 233 -10.68 31.30 -5.59
C SER E 233 -10.83 31.38 -7.11
N GLU E 234 -9.90 30.75 -7.82
CA GLU E 234 -9.94 30.72 -9.29
C GLU E 234 -11.24 30.06 -9.79
N TYR E 235 -11.63 28.95 -9.16
CA TYR E 235 -12.87 28.23 -9.52
C TYR E 235 -14.08 29.14 -9.31
N ARG E 236 -14.14 29.83 -8.19
CA ARG E 236 -15.32 30.72 -7.94
C ARG E 236 -15.35 31.86 -8.95
N ASN E 237 -14.18 32.33 -9.39
CA ASN E 237 -14.11 33.39 -10.43
C ASN E 237 -14.64 32.77 -11.71
N TRP E 238 -14.15 31.56 -12.02
CA TRP E 238 -14.56 30.87 -13.23
C TRP E 238 -16.09 30.64 -13.27
N ILE E 239 -16.69 30.30 -12.12
CA ILE E 239 -18.14 30.12 -11.99
C ILE E 239 -18.82 31.50 -12.21
N TYR E 240 -18.25 32.52 -11.59
CA TYR E 240 -18.85 33.85 -11.68
C TYR E 240 -19.00 34.34 -13.11
N ARG E 241 -17.98 34.04 -13.90
CA ARG E 241 -17.91 34.45 -15.31
C ARG E 241 -18.71 33.59 -16.27
N GLY E 242 -19.19 32.43 -15.84
CA GLY E 242 -19.97 31.61 -16.75
C GLY E 242 -19.24 30.37 -17.21
N ARG E 243 -18.34 29.88 -16.40
CA ARG E 243 -17.60 28.64 -16.65
C ARG E 243 -16.71 28.85 -17.87
N LYS E 244 -15.96 29.95 -17.84
CA LYS E 244 -15.04 30.32 -18.93
C LYS E 244 -13.96 31.29 -18.41
N SER F 1 26.03 -20.01 1.53
CA SER F 1 26.27 -18.57 1.36
C SER F 1 25.11 -17.81 1.98
N LEU F 2 25.22 -16.50 2.02
CA LEU F 2 24.13 -15.66 2.53
C LEU F 2 22.87 -15.98 1.69
N ARG F 3 23.01 -15.93 0.36
CA ARG F 3 21.89 -16.22 -0.50
C ARG F 3 21.27 -17.61 -0.26
N SER F 4 22.09 -18.65 -0.20
CA SER F 4 21.51 -19.98 -0.03
C SER F 4 20.86 -20.19 1.36
N ASP F 5 21.46 -19.60 2.39
CA ASP F 5 20.94 -19.72 3.77
C ASP F 5 19.66 -18.90 3.87
N LEU F 6 19.56 -17.84 3.09
CA LEU F 6 18.33 -17.02 3.10
C LEU F 6 17.19 -17.74 2.41
N ILE F 7 17.45 -18.30 1.22
CA ILE F 7 16.44 -19.08 0.48
C ILE F 7 15.93 -20.20 1.41
N ASN F 8 16.88 -20.88 2.06
CA ASN F 8 16.48 -21.96 2.92
C ASN F 8 15.64 -21.50 4.11
N ALA F 9 16.03 -20.42 4.76
CA ALA F 9 15.25 -19.90 5.92
C ALA F 9 13.86 -19.41 5.50
N LEU F 10 13.81 -18.70 4.37
CA LEU F 10 12.53 -18.22 3.86
C LEU F 10 11.60 -19.36 3.58
N TYR F 11 12.10 -20.41 2.90
CA TYR F 11 11.23 -21.55 2.60
C TYR F 11 10.73 -22.16 3.93
N ASP F 12 11.68 -22.41 4.83
CA ASP F 12 11.37 -23.02 6.13
C ASP F 12 10.33 -22.25 6.98
N GLU F 13 10.52 -20.94 7.10
CA GLU F 13 9.62 -20.12 7.91
C GLU F 13 8.24 -20.13 7.28
N ASN F 14 8.19 -19.93 5.98
CA ASN F 14 6.92 -19.93 5.24
C ASN F 14 6.23 -21.29 5.50
N GLN F 15 7.00 -22.36 5.50
CA GLN F 15 6.46 -23.69 5.74
C GLN F 15 5.90 -23.85 7.17
N LYS F 16 6.57 -23.30 8.16
CA LYS F 16 6.14 -23.50 9.55
C LYS F 16 5.03 -22.60 10.06
N TYR F 17 4.98 -21.35 9.59
CA TYR F 17 3.99 -20.39 10.10
C TYR F 17 3.05 -19.77 9.10
N ASP F 18 1.80 -19.59 9.54
CA ASP F 18 0.77 -18.98 8.69
C ASP F 18 0.27 -17.75 9.44
N VAL F 19 0.46 -16.58 8.87
CA VAL F 19 0.00 -15.35 9.51
C VAL F 19 -1.50 -15.31 9.48
N CYS F 20 -2.17 -14.95 10.58
CA CYS F 20 -3.64 -14.91 10.56
C CYS F 20 -4.33 -13.69 11.14
N GLY F 21 -3.60 -12.66 11.56
CA GLY F 21 -4.26 -11.47 12.07
C GLY F 21 -3.30 -10.49 12.67
N ILE F 22 -3.81 -9.36 13.12
CA ILE F 22 -2.94 -8.41 13.81
C ILE F 22 -3.37 -8.52 15.29
N ILE F 23 -2.44 -8.28 16.20
CA ILE F 23 -2.81 -8.44 17.63
C ILE F 23 -2.51 -7.17 18.39
N SER F 24 -3.40 -6.79 19.32
CA SER F 24 -3.21 -5.60 20.12
C SER F 24 -2.51 -6.00 21.44
N ALA F 25 -1.83 -5.03 22.06
CA ALA F 25 -1.11 -5.31 23.32
C ALA F 25 -2.02 -5.95 24.36
N GLU F 26 -3.33 -5.74 24.22
CA GLU F 26 -4.33 -6.30 25.12
C GLU F 26 -4.74 -7.73 24.74
N GLY F 27 -4.11 -8.27 23.71
CA GLY F 27 -4.42 -9.63 23.34
C GLY F 27 -5.61 -9.85 22.42
N LYS F 28 -6.23 -8.79 21.90
CA LYS F 28 -7.35 -9.02 21.00
C LYS F 28 -6.75 -9.12 19.58
N ILE F 29 -7.25 -10.07 18.79
CA ILE F 29 -6.78 -10.31 17.40
C ILE F 29 -7.85 -9.89 16.37
N TYR F 30 -7.38 -9.17 15.35
CA TYR F 30 -8.23 -8.64 14.30
C TYR F 30 -7.84 -9.39 13.05
N PRO F 31 -8.79 -10.04 12.38
CA PRO F 31 -8.46 -10.80 11.18
C PRO F 31 -7.98 -9.98 10.00
N LEU F 32 -7.43 -10.70 9.03
CA LEU F 32 -6.91 -10.07 7.83
C LEU F 32 -8.01 -9.87 6.79
N GLY F 33 -7.96 -8.76 6.07
CA GLY F 33 -8.95 -8.49 5.05
C GLY F 33 -8.38 -8.95 3.71
N SER F 34 -9.11 -8.75 2.62
CA SER F 34 -8.58 -9.23 1.33
C SER F 34 -7.90 -8.17 0.49
N ASP F 35 -7.87 -6.91 0.92
CA ASP F 35 -7.21 -5.93 0.07
C ASP F 35 -5.79 -6.30 -0.26
N THR F 36 -5.38 -6.04 -1.49
CA THR F 36 -4.05 -6.34 -1.97
C THR F 36 -2.98 -5.84 -1.07
N ALA F 37 -3.23 -4.63 -0.57
CA ALA F 37 -2.35 -3.96 0.35
C ALA F 37 -2.07 -4.83 1.59
N VAL F 38 -3.07 -5.58 2.05
CA VAL F 38 -2.96 -6.37 3.26
C VAL F 38 -1.92 -7.46 3.17
N LEU F 39 -1.97 -8.18 2.05
CA LEU F 39 -1.06 -9.29 1.85
C LEU F 39 0.37 -8.82 1.62
N SER F 40 0.52 -7.76 0.83
CA SER F 40 1.82 -7.17 0.56
C SER F 40 2.47 -6.83 1.91
N THR F 41 1.73 -6.12 2.75
CA THR F 41 2.25 -5.71 4.05
C THR F 41 2.60 -6.90 4.98
N ILE F 42 1.74 -7.88 5.05
CA ILE F 42 1.94 -9.02 5.95
C ILE F 42 3.21 -9.81 5.53
N PHE F 43 3.37 -10.08 4.24
CA PHE F 43 4.56 -10.85 3.82
C PHE F 43 5.86 -10.10 4.03
N GLU F 44 5.82 -8.78 3.89
CA GLU F 44 7.01 -8.00 4.15
C GLU F 44 7.38 -8.07 5.64
N LEU F 45 6.39 -7.86 6.53
CA LEU F 45 6.69 -7.96 7.96
C LEU F 45 7.19 -9.33 8.38
N PHE F 46 6.58 -10.35 7.79
CA PHE F 46 6.92 -11.75 8.06
C PHE F 46 8.42 -11.98 7.73
N SER F 47 8.90 -11.36 6.66
CA SER F 47 10.29 -11.58 6.21
C SER F 47 11.35 -10.90 6.99
N ARG F 48 10.95 -9.82 7.65
CA ARG F 48 11.94 -9.03 8.38
C ARG F 48 12.79 -9.83 9.39
N PRO F 49 12.19 -10.61 10.29
CA PRO F 49 13.08 -11.31 11.23
C PRO F 49 13.98 -12.33 10.58
N ILE F 50 13.48 -12.98 9.54
CA ILE F 50 14.23 -14.03 8.79
C ILE F 50 15.48 -13.38 8.16
N ILE F 51 15.25 -12.25 7.51
CA ILE F 51 16.35 -11.58 6.84
C ILE F 51 17.40 -11.05 7.79
N ASN F 52 16.96 -10.53 8.92
CA ASN F 52 17.95 -10.00 9.83
C ASN F 52 18.76 -11.14 10.48
N LYS F 53 18.11 -12.26 10.77
CA LYS F 53 18.78 -13.42 11.42
C LYS F 53 19.88 -13.99 10.53
N ILE F 54 19.55 -14.19 9.27
CA ILE F 54 20.58 -14.72 8.33
C ILE F 54 21.69 -13.70 8.04
N ALA F 55 21.34 -12.43 7.91
CA ALA F 55 22.30 -11.40 7.64
C ALA F 55 23.31 -11.34 8.78
N GLU F 56 22.80 -11.36 10.02
CA GLU F 56 23.73 -11.29 11.15
C GLU F 56 24.61 -12.54 11.22
N LYS F 57 24.08 -13.70 10.90
CA LYS F 57 24.92 -14.89 10.90
C LYS F 57 26.10 -14.68 9.96
N HIS F 58 25.87 -13.97 8.87
CA HIS F 58 26.92 -13.72 7.85
C HIS F 58 27.72 -12.45 8.00
N GLY F 59 27.52 -11.75 9.11
CA GLY F 59 28.28 -10.54 9.33
C GLY F 59 27.75 -9.33 8.60
N TYR F 60 26.54 -9.43 8.08
CA TYR F 60 25.96 -8.27 7.40
C TYR F 60 25.07 -7.42 8.29
N ILE F 61 25.17 -6.12 8.12
CA ILE F 61 24.28 -5.20 8.81
C ILE F 61 23.02 -5.11 7.90
N VAL F 62 21.85 -4.91 8.50
CA VAL F 62 20.61 -4.75 7.73
C VAL F 62 20.03 -3.38 8.01
N GLU F 63 19.70 -2.65 6.95
CA GLU F 63 19.13 -1.32 7.04
C GLU F 63 17.87 -1.18 6.18
N GLU F 64 16.80 -0.76 6.82
CA GLU F 64 15.56 -0.53 6.13
C GLU F 64 15.55 0.95 5.79
N PRO F 65 14.72 1.37 4.81
CA PRO F 65 14.70 2.79 4.48
C PRO F 65 14.31 3.63 5.69
N LYS F 66 15.01 4.74 5.90
CA LYS F 66 14.66 5.65 7.01
C LYS F 66 13.73 6.69 6.43
N GLN F 67 13.51 6.59 5.13
CA GLN F 67 12.63 7.51 4.42
C GLN F 67 11.66 6.67 3.62
N GLN F 68 10.40 7.08 3.55
CA GLN F 68 9.35 6.35 2.84
C GLN F 68 9.58 6.47 1.33
N ASN F 69 8.90 5.64 0.54
CA ASN F 69 9.02 5.57 -0.94
C ASN F 69 10.46 5.49 -1.49
N HIS F 70 11.30 4.78 -0.75
CA HIS F 70 12.69 4.53 -1.18
C HIS F 70 12.96 3.04 -1.18
N TYR F 71 13.61 2.62 -2.27
CA TYR F 71 14.04 1.22 -2.50
C TYR F 71 15.42 1.10 -1.87
N PRO F 72 15.81 -0.09 -1.38
CA PRO F 72 15.05 -1.35 -1.36
C PRO F 72 14.47 -1.61 0.02
N ASP F 73 13.60 -2.63 0.15
CA ASP F 73 13.05 -2.98 1.49
C ASP F 73 14.16 -3.26 2.48
N PHE F 74 15.22 -3.94 2.04
CA PHE F 74 16.33 -4.22 2.95
C PHE F 74 17.66 -4.01 2.23
N THR F 75 18.56 -3.30 2.90
CA THR F 75 19.93 -3.07 2.38
C THR F 75 20.89 -3.83 3.32
N LEU F 76 21.73 -4.69 2.75
CA LEU F 76 22.68 -5.52 3.49
C LEU F 76 24.08 -5.20 3.08
N TYR F 77 24.98 -5.08 4.08
CA TYR F 77 26.38 -4.82 3.78
C TYR F 77 27.25 -5.13 4.98
N LYS F 78 28.41 -5.72 4.71
CA LYS F 78 29.41 -6.03 5.74
C LYS F 78 30.06 -4.65 5.97
N PRO F 79 30.34 -4.30 7.25
CA PRO F 79 30.96 -3.01 7.62
C PRO F 79 32.20 -2.67 6.83
N SER F 80 33.01 -3.69 6.59
CA SER F 80 34.26 -3.54 5.86
C SER F 80 34.12 -3.22 4.36
N GLU F 81 33.14 -3.85 3.69
CA GLU F 81 32.90 -3.59 2.28
C GLU F 81 31.62 -2.76 2.08
N PRO F 82 31.66 -1.45 2.36
CA PRO F 82 30.45 -0.63 2.20
C PRO F 82 30.02 -0.40 0.77
N ASN F 83 30.99 -0.44 -0.13
CA ASN F 83 30.68 -0.20 -1.52
C ASN F 83 30.16 -1.39 -2.22
N LYS F 84 29.89 -2.43 -1.43
CA LYS F 84 29.39 -3.69 -1.91
C LYS F 84 28.07 -4.12 -1.23
N LYS F 85 27.07 -3.26 -1.36
CA LYS F 85 25.77 -3.55 -0.75
C LYS F 85 24.87 -4.48 -1.57
N ILE F 86 23.98 -5.12 -0.84
CA ILE F 86 23.01 -6.02 -1.40
C ILE F 86 21.63 -5.46 -1.11
N ALA F 87 20.84 -5.31 -2.17
CA ALA F 87 19.46 -4.83 -2.10
C ALA F 87 18.52 -6.09 -2.14
N ILE F 88 17.56 -6.12 -1.21
CA ILE F 88 16.60 -7.18 -1.20
C ILE F 88 15.26 -6.52 -1.15
N ASP F 89 14.43 -6.79 -2.14
CA ASP F 89 13.08 -6.23 -2.10
C ASP F 89 12.01 -7.29 -2.19
N ILE F 90 11.00 -7.15 -1.35
CA ILE F 90 9.89 -8.10 -1.31
C ILE F 90 8.77 -7.70 -2.27
N LYS F 91 8.21 -8.66 -2.99
CA LYS F 91 7.10 -8.39 -3.94
C LYS F 91 6.11 -9.50 -3.78
N THR F 92 4.85 -9.20 -4.05
CA THR F 92 3.80 -10.18 -3.87
C THR F 92 2.84 -10.14 -5.05
N THR F 93 2.20 -11.26 -5.34
CA THR F 93 1.17 -11.30 -6.35
C THR F 93 0.30 -12.49 -6.03
N TYR F 94 -0.83 -12.63 -6.73
CA TYR F 94 -1.77 -13.72 -6.45
C TYR F 94 -2.03 -14.65 -7.65
N THR F 95 -2.68 -15.79 -7.34
CA THR F 95 -3.14 -16.81 -8.31
C THR F 95 -4.55 -17.29 -7.92
N ASN F 96 -5.07 -18.22 -8.72
CA ASN F 96 -6.38 -18.86 -8.51
C ASN F 96 -6.24 -20.38 -8.62
N GLU F 100 -1.12 -21.97 -13.25
CA GLU F 100 -1.61 -20.61 -13.55
C GLU F 100 -0.38 -19.67 -13.56
N LYS F 101 -0.21 -18.93 -14.64
CA LYS F 101 0.94 -18.05 -14.74
C LYS F 101 0.80 -16.80 -13.88
N ILE F 102 1.93 -16.30 -13.42
CA ILE F 102 1.95 -15.11 -12.58
C ILE F 102 2.91 -14.10 -13.09
N LYS F 103 2.75 -12.87 -12.63
CA LYS F 103 3.58 -11.75 -12.98
C LYS F 103 3.66 -10.81 -11.80
N PHE F 104 4.81 -10.19 -11.63
CA PHE F 104 5.03 -9.23 -10.56
C PHE F 104 5.39 -7.91 -11.13
N THR F 105 5.12 -6.85 -10.38
CA THR F 105 5.60 -5.49 -10.69
C THR F 105 6.92 -5.40 -9.96
N LEU F 106 8.01 -5.07 -10.66
CA LEU F 106 9.30 -5.07 -10.03
C LEU F 106 9.90 -3.72 -9.67
N GLY F 107 9.07 -2.69 -9.51
CA GLY F 107 9.61 -1.38 -9.15
C GLY F 107 9.77 -0.47 -10.37
N GLY F 108 10.08 0.80 -10.14
CA GLY F 108 10.12 1.72 -11.26
C GLY F 108 11.25 1.50 -12.25
N TYR F 109 11.05 1.96 -13.49
CA TYR F 109 12.14 1.89 -14.46
C TYR F 109 12.67 3.31 -14.70
N THR F 110 12.09 4.32 -14.01
CA THR F 110 12.58 5.67 -14.19
C THR F 110 13.21 6.30 -12.94
N SER F 111 13.43 5.51 -11.88
CA SER F 111 14.00 6.11 -10.70
C SER F 111 15.49 5.84 -10.59
N PHE F 112 15.89 5.04 -9.62
CA PHE F 112 17.30 4.74 -9.41
C PHE F 112 18.03 4.11 -10.60
N ILE F 113 17.33 3.42 -11.50
CA ILE F 113 18.10 2.89 -12.65
C ILE F 113 18.50 3.97 -13.66
N ARG F 114 17.86 5.13 -13.59
CA ARG F 114 18.19 6.22 -14.48
C ARG F 114 18.89 7.35 -13.76
N ASN F 115 18.78 7.35 -12.44
CA ASN F 115 19.37 8.38 -11.59
C ASN F 115 19.94 7.72 -10.35
N ASN F 116 21.27 7.68 -10.28
CA ASN F 116 21.99 7.03 -9.21
C ASN F 116 21.50 7.25 -7.78
N THR F 117 20.92 8.41 -7.46
CA THR F 117 20.49 8.67 -6.08
C THR F 117 18.98 8.90 -5.91
N LYS F 118 18.21 8.57 -6.93
CA LYS F 118 16.74 8.80 -6.88
C LYS F 118 15.93 7.65 -6.25
N ASN F 119 15.23 7.94 -5.15
CA ASN F 119 14.39 6.96 -4.49
C ASN F 119 15.09 5.70 -4.11
N ILE F 120 16.35 5.83 -3.69
CA ILE F 120 17.10 4.67 -3.25
C ILE F 120 17.85 5.08 -1.99
N VAL F 121 17.98 4.13 -1.07
CA VAL F 121 18.58 4.44 0.24
C VAL F 121 20.02 4.82 0.15
N TYR F 122 20.77 4.03 -0.63
CA TYR F 122 22.19 4.32 -0.88
C TYR F 122 22.32 4.45 -2.40
N PRO F 123 23.37 5.16 -2.86
CA PRO F 123 23.63 5.34 -4.29
C PRO F 123 23.56 3.97 -4.98
N PHE F 124 22.93 3.93 -6.15
CA PHE F 124 22.71 2.66 -6.87
C PHE F 124 24.04 1.98 -7.20
N ASP F 125 25.06 2.78 -7.43
CA ASP F 125 26.35 2.18 -7.73
C ASP F 125 27.06 1.54 -6.57
N GLN F 126 26.46 1.58 -5.36
CA GLN F 126 27.07 0.90 -4.22
C GLN F 126 26.50 -0.51 -4.06
N TYR F 127 25.46 -0.86 -4.84
CA TYR F 127 24.88 -2.19 -4.72
C TYR F 127 25.47 -3.13 -5.75
N ILE F 128 25.83 -4.33 -5.30
CA ILE F 128 26.40 -5.35 -6.19
C ILE F 128 25.41 -6.45 -6.54
N ALA F 129 24.21 -6.40 -5.94
CA ALA F 129 23.25 -7.45 -6.23
C ALA F 129 21.90 -6.89 -5.86
N HIS F 130 20.90 -7.29 -6.64
CA HIS F 130 19.55 -6.82 -6.39
C HIS F 130 18.70 -8.09 -6.38
N TRP F 131 18.24 -8.48 -5.20
CA TRP F 131 17.42 -9.71 -5.11
C TRP F 131 15.97 -9.37 -4.87
N ILE F 132 15.11 -10.22 -5.43
CA ILE F 132 13.67 -10.16 -5.24
C ILE F 132 13.22 -11.38 -4.45
N ILE F 133 12.49 -11.12 -3.37
CA ILE F 133 11.87 -12.21 -2.62
C ILE F 133 10.42 -12.08 -3.07
N GLY F 134 9.94 -13.05 -3.84
CA GLY F 134 8.60 -13.04 -4.35
C GLY F 134 7.71 -14.02 -3.61
N TYR F 135 6.56 -13.50 -3.19
CA TYR F 135 5.55 -14.29 -2.51
C TYR F 135 4.32 -14.39 -3.44
N VAL F 136 3.79 -15.59 -3.58
CA VAL F 136 2.61 -15.82 -4.41
C VAL F 136 1.57 -16.55 -3.56
N TYR F 137 0.30 -16.17 -3.63
CA TYR F 137 -0.69 -16.88 -2.85
C TYR F 137 -1.96 -17.01 -3.67
N THR F 138 -2.86 -17.90 -3.23
CA THR F 138 -4.15 -18.10 -3.89
C THR F 138 -5.16 -17.29 -3.11
N ARG F 139 -5.93 -16.45 -3.81
CA ARG F 139 -6.89 -15.57 -3.12
C ARG F 139 -8.06 -16.37 -2.62
N VAL F 140 -8.56 -16.00 -1.43
CA VAL F 140 -9.71 -16.66 -0.83
C VAL F 140 -10.72 -15.61 -0.39
N LYS F 144 -15.20 -13.52 4.56
CA LYS F 144 -16.59 -13.71 4.95
C LYS F 144 -16.83 -12.87 6.21
N SER F 145 -17.99 -13.01 6.85
CA SER F 145 -18.16 -12.27 8.10
C SER F 145 -17.04 -12.78 9.05
N SER F 146 -15.83 -12.22 8.80
CA SER F 146 -14.50 -12.38 9.43
C SER F 146 -14.31 -10.94 9.94
N LEU F 147 -15.45 -10.35 10.25
CA LEU F 147 -15.53 -8.99 10.74
C LEU F 147 -15.72 -8.93 12.24
N LYS F 148 -15.07 -9.83 12.95
CA LYS F 148 -15.18 -9.79 14.40
C LYS F 148 -13.79 -10.09 14.98
N THR F 149 -13.59 -9.78 16.26
CA THR F 149 -12.29 -10.04 16.90
C THR F 149 -12.23 -11.44 17.51
N TYR F 150 -11.04 -11.87 17.85
CA TYR F 150 -10.79 -13.21 18.41
C TYR F 150 -9.82 -13.09 19.57
N ASN F 151 -9.77 -14.12 20.42
CA ASN F 151 -8.82 -14.09 21.55
C ASN F 151 -7.78 -15.17 21.24
N ILE F 152 -6.69 -15.19 21.99
CA ILE F 152 -5.63 -16.17 21.73
C ILE F 152 -6.08 -17.63 21.65
N ASN F 153 -7.09 -17.99 22.44
CA ASN F 153 -7.53 -19.36 22.42
C ASN F 153 -8.21 -19.72 21.13
N GLU F 154 -8.52 -18.72 20.30
CA GLU F 154 -9.20 -18.99 19.05
C GLU F 154 -8.38 -18.81 17.75
N LEU F 155 -7.06 -18.74 17.86
CA LEU F 155 -6.20 -18.53 16.68
C LEU F 155 -6.49 -19.43 15.48
N ASN F 156 -6.68 -20.70 15.78
CA ASN F 156 -6.93 -21.69 14.75
C ASN F 156 -8.27 -21.59 14.03
N GLU F 157 -9.19 -20.76 14.52
CA GLU F 157 -10.52 -20.64 13.84
C GLU F 157 -10.59 -19.36 13.04
N ILE F 158 -9.52 -18.58 13.00
CA ILE F 158 -9.63 -17.33 12.24
C ILE F 158 -9.49 -17.62 10.77
N PRO F 159 -10.48 -17.22 9.95
CA PRO F 159 -10.41 -17.47 8.50
C PRO F 159 -9.35 -16.58 7.85
N LYS F 160 -8.72 -17.10 6.80
CA LYS F 160 -7.67 -16.38 6.07
C LYS F 160 -8.06 -15.92 4.66
N PRO F 161 -7.55 -14.76 4.19
CA PRO F 161 -7.94 -14.35 2.83
C PRO F 161 -6.99 -14.94 1.78
N TYR F 162 -6.27 -15.99 2.14
CA TYR F 162 -5.29 -16.63 1.24
C TYR F 162 -5.07 -18.10 1.53
N LYS F 163 -4.46 -18.79 0.58
CA LYS F 163 -4.07 -20.15 0.81
C LYS F 163 -2.92 -20.46 -0.16
N GLY F 164 -2.17 -21.49 0.16
CA GLY F 164 -1.08 -21.94 -0.70
C GLY F 164 0.05 -20.97 -0.99
N VAL F 165 0.60 -20.35 0.03
CA VAL F 165 1.68 -19.38 -0.18
C VAL F 165 2.97 -20.06 -0.59
N LYS F 166 3.62 -19.51 -1.60
CA LYS F 166 4.91 -19.97 -2.09
C LYS F 166 5.84 -18.78 -2.09
N VAL F 167 7.13 -19.03 -1.91
CA VAL F 167 8.09 -17.97 -1.86
C VAL F 167 9.35 -18.34 -2.61
N PHE F 168 9.95 -17.36 -3.27
CA PHE F 168 11.24 -17.61 -3.93
C PHE F 168 12.16 -16.42 -3.74
N LEU F 169 13.44 -16.61 -4.05
CA LEU F 169 14.42 -15.52 -4.00
C LEU F 169 15.17 -15.67 -5.31
N GLN F 170 15.11 -14.61 -6.09
CA GLN F 170 15.81 -14.62 -7.37
C GLN F 170 16.41 -13.24 -7.71
N ASP F 171 17.41 -13.21 -8.60
CA ASP F 171 17.94 -11.90 -8.99
C ASP F 171 16.89 -11.18 -9.78
N LYS F 172 16.80 -9.87 -9.57
CA LYS F 172 15.80 -9.05 -10.26
C LYS F 172 15.96 -9.13 -11.79
N TRP F 173 17.20 -9.08 -12.26
CA TRP F 173 17.36 -9.05 -13.71
C TRP F 173 16.93 -10.36 -14.37
N VAL F 174 17.14 -11.44 -13.66
CA VAL F 174 16.79 -12.75 -14.18
C VAL F 174 15.31 -12.98 -14.45
N ILE F 175 14.45 -12.45 -13.57
CA ILE F 175 13.02 -12.63 -13.75
C ILE F 175 12.30 -11.45 -14.42
N ALA F 176 13.04 -10.41 -14.77
CA ALA F 176 12.44 -9.27 -15.44
C ALA F 176 12.04 -9.58 -16.88
N GLY F 177 10.87 -9.04 -17.28
CA GLY F 177 10.32 -9.20 -18.60
C GLY F 177 10.55 -7.95 -19.43
N ASP F 178 9.83 -7.85 -20.56
CA ASP F 178 10.01 -6.72 -21.46
C ASP F 178 8.77 -5.87 -21.64
N LEU F 179 7.75 -6.17 -20.83
CA LEU F 179 6.51 -5.37 -20.93
C LEU F 179 6.31 -4.72 -19.56
N ALA F 180 5.98 -3.43 -19.58
CA ALA F 180 5.73 -2.69 -18.34
C ALA F 180 4.75 -3.41 -17.42
N GLY F 181 5.05 -3.34 -16.12
CA GLY F 181 4.20 -3.97 -15.11
C GLY F 181 3.10 -3.03 -14.64
N SER F 182 3.27 -1.74 -14.90
CA SER F 182 2.23 -0.74 -14.62
C SER F 182 2.43 0.45 -15.53
N GLY F 183 1.34 1.19 -15.72
CA GLY F 183 1.36 2.34 -16.60
C GLY F 183 1.74 3.65 -16.00
N ASN F 184 0.77 4.26 -15.32
CA ASN F 184 1.05 5.55 -14.76
C ASN F 184 2.18 5.58 -13.70
N THR F 185 2.48 4.42 -13.12
CA THR F 185 3.55 4.34 -12.09
C THR F 185 4.79 3.64 -12.65
N THR F 186 4.89 3.67 -13.98
CA THR F 186 6.02 3.16 -14.77
C THR F 186 6.88 2.07 -14.09
N ASN F 187 6.28 0.92 -13.80
CA ASN F 187 7.01 -0.21 -13.22
C ASN F 187 7.51 -1.25 -14.30
N ILE F 188 8.66 -1.84 -14.00
CA ILE F 188 9.22 -2.93 -14.76
C ILE F 188 8.24 -4.09 -14.50
N GLY F 189 7.93 -4.82 -15.54
CA GLY F 189 7.07 -5.99 -15.41
C GLY F 189 8.01 -7.21 -15.40
N SER F 190 7.70 -8.23 -14.59
CA SER F 190 8.51 -9.46 -14.61
C SER F 190 8.01 -10.32 -15.80
N ILE F 191 8.68 -11.45 -16.01
CA ILE F 191 8.16 -12.40 -16.98
C ILE F 191 6.78 -12.83 -16.45
N HIS F 192 5.96 -13.39 -17.36
CA HIS F 192 4.61 -13.87 -17.03
C HIS F 192 4.86 -15.34 -17.24
N ALA F 193 4.95 -16.07 -16.13
CA ALA F 193 5.35 -17.49 -16.17
C ALA F 193 4.89 -18.24 -14.94
N HIS F 194 5.21 -19.53 -14.85
CA HIS F 194 4.83 -20.31 -13.66
C HIS F 194 5.85 -20.16 -12.57
N TYR F 195 5.39 -20.34 -11.34
CA TYR F 195 6.27 -20.21 -10.17
C TYR F 195 7.62 -20.87 -10.39
N LYS F 196 7.60 -22.10 -10.94
CA LYS F 196 8.81 -22.86 -11.21
C LYS F 196 9.83 -22.11 -12.06
N ASP F 197 9.35 -21.32 -13.01
CA ASP F 197 10.22 -20.54 -13.89
C ASP F 197 10.93 -19.43 -13.12
N PHE F 198 10.27 -18.86 -12.12
CA PHE F 198 10.92 -17.87 -11.30
C PHE F 198 12.03 -18.53 -10.43
N VAL F 199 11.72 -19.65 -9.80
CA VAL F 199 12.73 -20.34 -8.99
C VAL F 199 13.94 -20.73 -9.84
N GLU F 200 13.67 -21.28 -11.01
CA GLU F 200 14.72 -21.74 -11.92
C GLU F 200 15.43 -20.64 -12.69
N GLY F 201 14.86 -19.45 -12.65
CA GLY F 201 15.47 -18.34 -13.34
C GLY F 201 15.35 -18.43 -14.84
N LYS F 202 14.20 -18.89 -15.34
CA LYS F 202 14.04 -18.99 -16.80
C LYS F 202 13.51 -17.67 -17.34
N GLY F 203 14.43 -16.73 -17.57
CA GLY F 203 14.03 -15.41 -18.04
C GLY F 203 14.23 -15.19 -19.55
N ILE F 204 14.14 -13.93 -19.92
CA ILE F 204 14.30 -13.49 -21.30
C ILE F 204 15.57 -12.68 -21.57
N PHE F 205 16.11 -11.97 -20.57
CA PHE F 205 17.31 -11.20 -20.82
C PHE F 205 18.54 -12.07 -20.86
N ASP F 206 19.50 -11.74 -21.76
CA ASP F 206 20.73 -12.50 -21.87
C ASP F 206 21.74 -12.15 -20.77
N SER F 207 21.55 -10.98 -20.12
CA SER F 207 22.47 -10.53 -19.09
C SER F 207 21.82 -9.37 -18.31
N GLU F 208 22.46 -9.07 -17.16
CA GLU F 208 22.06 -7.95 -16.31
C GLU F 208 22.28 -6.63 -17.08
N ASP F 209 23.34 -6.59 -17.88
CA ASP F 209 23.59 -5.40 -18.68
C ASP F 209 22.41 -5.17 -19.65
N GLU F 210 21.94 -6.24 -20.30
CA GLU F 210 20.83 -6.11 -21.25
C GLU F 210 19.58 -5.67 -20.54
N PHE F 211 19.36 -6.25 -19.37
CA PHE F 211 18.14 -5.93 -18.55
C PHE F 211 18.15 -4.45 -18.21
N LEU F 212 19.29 -3.96 -17.74
CA LEU F 212 19.33 -2.56 -17.34
C LEU F 212 19.23 -1.64 -18.52
N ASP F 213 19.95 -1.96 -19.58
CA ASP F 213 19.88 -1.07 -20.73
C ASP F 213 18.45 -1.02 -21.31
N TYR F 214 17.83 -2.17 -21.40
CA TYR F 214 16.46 -2.21 -21.87
C TYR F 214 15.54 -1.29 -21.07
N TRP F 215 15.54 -1.47 -19.74
CA TRP F 215 14.60 -0.65 -18.98
C TRP F 215 15.07 0.83 -18.87
N ARG F 216 16.34 1.12 -19.04
CA ARG F 216 16.81 2.51 -19.00
C ARG F 216 16.40 3.25 -20.28
N ASN F 217 16.08 2.51 -21.34
CA ASN F 217 15.73 3.19 -22.61
C ASN F 217 14.31 2.87 -23.11
N TYR F 218 13.51 2.29 -22.22
CA TYR F 218 12.13 1.96 -22.52
C TYR F 218 11.31 3.25 -22.45
N GLU F 219 10.54 3.59 -23.48
CA GLU F 219 9.78 4.82 -23.38
C GLU F 219 8.50 4.56 -22.63
N ARG F 220 7.91 5.63 -22.10
CA ARG F 220 6.76 5.51 -21.21
C ARG F 220 5.42 5.22 -21.81
N THR F 221 5.27 5.43 -23.11
CA THR F 221 3.99 5.19 -23.76
C THR F 221 4.17 4.46 -25.07
N SER F 222 3.08 3.88 -25.57
CA SER F 222 3.12 3.16 -26.85
C SER F 222 3.49 4.07 -27.99
N GLN F 223 3.00 5.30 -27.97
CA GLN F 223 3.29 6.22 -29.07
C GLN F 223 4.79 6.38 -29.21
N LEU F 224 5.43 6.64 -28.09
CA LEU F 224 6.87 6.81 -28.03
C LEU F 224 7.60 5.49 -28.35
N ARG F 225 7.10 4.40 -27.79
CA ARG F 225 7.74 3.11 -28.02
C ARG F 225 7.60 2.58 -29.44
N ASN F 226 6.50 2.87 -30.10
CA ASN F 226 6.33 2.32 -31.41
C ASN F 226 7.31 2.76 -32.48
N ASP F 227 8.14 3.76 -32.19
CA ASP F 227 9.20 4.19 -33.11
C ASP F 227 10.59 3.82 -32.56
N LYS F 228 10.62 2.96 -31.53
CA LYS F 228 11.87 2.59 -30.88
C LYS F 228 11.82 1.10 -30.57
N TYR F 229 11.23 0.71 -29.44
CA TYR F 229 11.03 -0.71 -29.17
C TYR F 229 9.96 -0.93 -28.14
N ASN F 230 9.22 -2.01 -28.31
CA ASN F 230 8.14 -2.42 -27.41
C ASN F 230 8.37 -3.76 -26.74
N ASN F 231 9.41 -4.48 -27.15
CA ASN F 231 9.68 -5.78 -26.58
C ASN F 231 11.15 -6.12 -26.82
N ILE F 232 11.58 -7.30 -26.37
CA ILE F 232 13.01 -7.57 -26.43
C ILE F 232 13.55 -7.71 -27.87
N SER F 233 12.74 -8.28 -28.75
CA SER F 233 13.16 -8.42 -30.16
C SER F 233 13.37 -7.08 -30.78
N GLU F 234 12.45 -6.18 -30.52
CA GLU F 234 12.58 -4.86 -31.11
C GLU F 234 13.75 -4.08 -30.48
N TYR F 235 14.03 -4.34 -29.20
CA TYR F 235 15.14 -3.66 -28.53
C TYR F 235 16.47 -4.18 -29.15
N ARG F 236 16.53 -5.47 -29.42
CA ARG F 236 17.76 -6.00 -30.01
C ARG F 236 17.98 -5.40 -31.40
N ASN F 237 16.88 -5.15 -32.11
CA ASN F 237 17.01 -4.56 -33.44
C ASN F 237 17.43 -3.10 -33.24
N TRP F 238 16.86 -2.42 -32.24
CA TRP F 238 17.26 -1.02 -31.97
C TRP F 238 18.78 -0.90 -31.71
N ILE F 239 19.33 -1.89 -31.01
CA ILE F 239 20.74 -1.98 -30.68
C ILE F 239 21.49 -2.10 -32.02
N TYR F 240 21.04 -3.04 -32.85
CA TYR F 240 21.71 -3.23 -34.16
C TYR F 240 21.68 -1.93 -35.00
N ARG F 241 20.57 -1.19 -34.99
CA ARG F 241 20.47 0.06 -35.74
C ARG F 241 21.38 1.17 -35.19
N GLY F 242 21.98 0.92 -34.04
CA GLY F 242 22.89 1.90 -33.45
C GLY F 242 22.22 2.81 -32.42
N ARG F 243 21.24 2.24 -31.71
CA ARG F 243 20.56 2.94 -30.63
C ARG F 243 19.83 4.19 -31.09
N LYS F 244 19.09 3.97 -32.18
CA LYS F 244 18.24 5.00 -32.82
C LYS F 244 17.20 4.32 -33.74
#